data_8QML
#
_entry.id   8QML
#
_cell.length_a   50.480
_cell.length_b   79.220
_cell.length_c   85.160
_cell.angle_alpha   90.000
_cell.angle_beta   90.000
_cell.angle_gamma   90.000
#
_symmetry.space_group_name_H-M   'P 21 21 21'
#
loop_
_entity.id
_entity.type
_entity.pdbx_description
1 polymer '[FeFe] hydrogenase maturase subunit HydE'
2 non-polymer S-ADENOSYL-L-HOMOCYSTEINE
3 non-polymer '(2R,4R)-2-methyl-1,3-thiazolidine-2,4-dicarboxylic acid'
4 non-polymer 3-[(3-CHOLAMIDOPROPYL)DIMETHYLAMMONIO]-1-PROPANESULFONATE
5 non-polymer 'IRON/SULFUR CLUSTER'
6 non-polymer 'CHLORIDE ION'
7 non-polymer 'SULFATE ION'
8 water water
#
_entity_poly.entity_id   1
_entity_poly.type   'polypeptide(L)'
_entity_poly.pdbx_seq_one_letter_code
;MWSHPQFEKASTGREILEKLERREFTREVLKEALSINDRGFNEALFKLADEIRRKYVGDEVHIRAIIEFSNVCRKNCLYC
GLRRDNKNLKRYRMTPEEIVERARLAVQFGAKTIVLQSGEDPY(OTY)MPDVISDIVKEIKKMGVAVTLSLGEWPREYYE
KWKEAGADRYLLRHETANPVLHRKLRPDTSFENRLNCLLTLKELGYETGAGSMVGLPGQTIDDLVDDLLFLKEHDFDMVG
IGPFIPHPDTPLANEKKGDFTLTLKMVALTRILLPDSNIPATTAMGTIVPGGREITLRCGANVIMPNWTPSPYRQLYQLY
PGKISVFEKDTASIPSVMKMIELLGRKPGRDWGGRKRVFETV
;
_entity_poly.pdbx_strand_id   A
#
# COMPACT_ATOMS: atom_id res chain seq x y z
N THR A 12 -26.10 16.91 10.10
CA THR A 12 -25.09 17.90 10.44
C THR A 12 -23.71 17.27 10.61
N GLY A 13 -22.71 18.03 10.17
CA GLY A 13 -21.36 17.52 10.24
C GLY A 13 -20.90 17.31 11.65
N ARG A 14 -21.27 18.24 12.54
CA ARG A 14 -20.86 18.11 13.93
C ARG A 14 -21.38 16.83 14.58
N GLU A 15 -22.62 16.45 14.28
CA GLU A 15 -23.16 15.24 14.89
C GLU A 15 -22.38 14.02 14.45
N ILE A 16 -21.97 14.01 13.18
CA ILE A 16 -21.21 12.88 12.65
C ILE A 16 -19.87 12.77 13.35
N LEU A 17 -19.19 13.90 13.51
CA LEU A 17 -17.88 13.87 14.16
C LEU A 17 -18.01 13.42 15.60
N GLU A 18 -19.07 13.86 16.28
CA GLU A 18 -19.28 13.41 17.64
C GLU A 18 -19.38 11.89 17.68
N LYS A 19 -20.12 11.32 16.72
CA LYS A 19 -20.31 9.88 16.71
C LYS A 19 -19.02 9.16 16.40
N LEU A 20 -18.23 9.72 15.48
CA LEU A 20 -16.93 9.13 15.19
C LEU A 20 -16.05 9.18 16.42
N GLU A 21 -16.09 10.29 17.15
CA GLU A 21 -15.23 10.42 18.32
C GLU A 21 -15.66 9.43 19.38
N ARG A 22 -16.95 9.11 19.42
CA ARG A 22 -17.50 8.14 20.34
C ARG A 22 -17.44 6.76 19.77
N ARG A 23 -16.83 6.60 18.60
CA ARG A 23 -16.64 5.29 18.00
C ARG A 23 -17.98 4.61 17.72
N GLU A 24 -19.01 5.38 17.38
CA GLU A 24 -20.28 4.85 16.86
CA GLU A 24 -20.27 4.84 16.86
C GLU A 24 -20.10 4.63 15.37
N PHE A 25 -19.48 3.51 15.02
CA PHE A 25 -19.03 3.24 13.65
C PHE A 25 -20.07 2.48 12.84
N THR A 26 -21.28 3.01 12.78
CA THR A 26 -22.34 2.38 12.02
C THR A 26 -22.18 2.68 10.53
N ARG A 27 -22.87 1.91 9.69
CA ARG A 27 -22.88 2.24 8.27
CA ARG A 27 -22.88 2.24 8.27
C ARG A 27 -23.40 3.65 8.03
N GLU A 28 -24.52 4.00 8.67
CA GLU A 28 -25.07 5.35 8.47
C GLU A 28 -24.02 6.43 8.78
N VAL A 29 -23.28 6.27 9.89
CA VAL A 29 -22.31 7.31 10.26
C VAL A 29 -21.21 7.38 9.24
N LEU A 30 -20.74 6.21 8.78
CA LEU A 30 -19.64 6.20 7.81
C LEU A 30 -20.13 6.74 6.48
N LYS A 31 -21.36 6.39 6.09
CA LYS A 31 -21.91 6.91 4.85
C LYS A 31 -22.04 8.42 4.90
N GLU A 32 -22.55 8.98 6.02
CA GLU A 32 -22.66 10.43 6.08
CA GLU A 32 -22.65 10.42 6.06
C GLU A 32 -21.28 11.06 6.07
N ALA A 33 -20.33 10.46 6.76
CA ALA A 33 -18.98 11.01 6.77
C ALA A 33 -18.47 11.08 5.35
N LEU A 34 -18.73 10.05 4.55
CA LEU A 34 -18.23 10.09 3.20
C LEU A 34 -19.11 10.91 2.26
N SER A 35 -20.33 11.26 2.67
CA SER A 35 -21.20 12.02 1.78
C SER A 35 -21.14 13.50 2.02
N ILE A 36 -20.77 13.91 3.23
CA ILE A 36 -20.66 15.34 3.50
C ILE A 36 -19.41 15.86 2.82
N ASN A 37 -19.55 16.97 2.10
CA ASN A 37 -18.44 17.56 1.36
C ASN A 37 -18.04 18.91 1.92
N ASP A 38 -18.64 19.32 3.04
CA ASP A 38 -18.33 20.58 3.66
C ASP A 38 -16.86 20.59 4.10
N ARG A 39 -16.16 21.66 3.69
CA ARG A 39 -14.76 21.81 4.00
C ARG A 39 -14.53 21.75 5.51
N GLY A 40 -15.39 22.40 6.28
CA GLY A 40 -15.17 22.40 7.73
C GLY A 40 -15.32 21.01 8.29
N PHE A 41 -16.31 20.25 7.79
CA PHE A 41 -16.44 18.86 8.22
C PHE A 41 -15.19 18.08 7.86
N ASN A 42 -14.76 18.20 6.62
CA ASN A 42 -13.62 17.42 6.15
C ASN A 42 -12.41 17.75 6.99
N GLU A 43 -12.20 19.04 7.26
CA GLU A 43 -10.96 19.41 7.97
C GLU A 43 -11.01 18.92 9.41
N ALA A 44 -12.20 18.90 10.01
CA ALA A 44 -12.35 18.34 11.34
C ALA A 44 -12.11 16.84 11.31
N LEU A 45 -12.59 16.17 10.26
CA LEU A 45 -12.33 14.74 10.16
C LEU A 45 -10.85 14.46 10.04
N PHE A 46 -10.15 15.26 9.22
CA PHE A 46 -8.72 15.03 9.05
C PHE A 46 -8.00 15.29 10.37
N LYS A 47 -8.40 16.34 11.06
CA LYS A 47 -7.75 16.64 12.34
CA LYS A 47 -7.76 16.65 12.35
C LYS A 47 -7.98 15.51 13.34
N LEU A 48 -9.18 14.95 13.35
CA LEU A 48 -9.48 13.83 14.22
C LEU A 48 -8.57 12.66 13.90
N ALA A 49 -8.53 12.29 12.62
CA ALA A 49 -7.66 11.16 12.25
C ALA A 49 -6.20 11.44 12.59
N ASP A 50 -5.74 12.65 12.33
CA ASP A 50 -4.38 13.00 12.64
C ASP A 50 -4.12 12.89 14.13
N GLU A 51 -5.10 13.28 14.94
CA GLU A 51 -4.91 13.19 16.38
CA GLU A 51 -4.92 13.19 16.40
C GLU A 51 -4.95 11.75 16.85
N ILE A 52 -5.85 10.94 16.28
CA ILE A 52 -5.86 9.52 16.60
C ILE A 52 -4.54 8.88 16.22
N ARG A 53 -4.06 9.18 15.01
CA ARG A 53 -2.74 8.69 14.63
C ARG A 53 -1.69 9.08 15.67
N ARG A 54 -1.61 10.37 16.00
CA ARG A 54 -0.62 10.80 16.97
CA ARG A 54 -0.62 10.79 16.98
C ARG A 54 -0.74 10.00 18.28
N LYS A 55 -1.96 9.83 18.77
CA LYS A 55 -2.15 9.22 20.09
C LYS A 55 -1.81 7.75 20.06
N TYR A 56 -2.15 7.07 18.98
CA TYR A 56 -1.98 5.65 19.04
C TYR A 56 -0.69 5.15 18.42
N VAL A 57 -0.22 5.75 17.33
CA VAL A 57 1.00 5.28 16.68
C VAL A 57 2.10 6.30 16.71
N GLY A 58 1.85 7.46 17.28
CA GLY A 58 2.95 8.39 17.54
C GLY A 58 3.42 9.09 16.30
N ASP A 59 4.62 9.71 16.41
CA ASP A 59 5.14 10.55 15.34
CA ASP A 59 5.17 10.56 15.37
C ASP A 59 6.11 9.82 14.44
N GLU A 60 6.41 8.54 14.72
CA GLU A 60 7.30 7.85 13.82
CA GLU A 60 7.30 7.83 13.82
C GLU A 60 6.58 7.53 12.51
N VAL A 61 7.27 7.77 11.41
CA VAL A 61 6.78 7.40 10.10
C VAL A 61 7.70 6.26 9.67
N HIS A 62 7.10 5.12 9.49
CA HIS A 62 7.89 3.93 9.19
C HIS A 62 8.15 3.85 7.72
N ILE A 63 9.40 3.59 7.39
CA ILE A 63 9.84 3.59 5.98
C ILE A 63 9.88 2.16 5.52
N ARG A 64 9.14 1.87 4.45
CA ARG A 64 9.15 0.53 3.86
C ARG A 64 9.74 0.69 2.46
N ALA A 65 10.94 0.21 2.23
CA ALA A 65 11.58 0.40 0.92
C ALA A 65 11.01 -0.67 -0.01
N ILE A 66 10.38 -0.26 -1.09
CA ILE A 66 9.71 -1.20 -1.96
C ILE A 66 10.57 -1.45 -3.18
N ILE A 67 10.78 -2.73 -3.46
CA ILE A 67 11.44 -3.19 -4.68
C ILE A 67 10.40 -3.94 -5.50
N GLU A 68 10.08 -3.37 -6.67
CA GLU A 68 9.14 -3.92 -7.61
C GLU A 68 9.99 -4.76 -8.56
N PHE A 69 10.10 -6.04 -8.23
CA PHE A 69 11.21 -6.78 -8.82
C PHE A 69 10.86 -7.49 -10.11
N SER A 70 9.60 -7.52 -10.47
CA SER A 70 9.16 -8.08 -11.75
C SER A 70 7.84 -7.42 -12.07
N ASN A 71 7.66 -7.07 -13.36
CA ASN A 71 6.35 -6.61 -13.79
C ASN A 71 5.65 -7.63 -14.65
N VAL A 72 6.08 -8.89 -14.61
CA VAL A 72 5.36 -9.95 -15.31
C VAL A 72 4.11 -10.26 -14.50
N CYS A 73 2.97 -10.42 -15.13
CA CYS A 73 1.80 -10.83 -14.39
C CYS A 73 0.95 -11.75 -15.21
N ARG A 74 0.42 -12.77 -14.54
CA ARG A 74 -0.45 -13.71 -15.18
C ARG A 74 -1.91 -13.29 -15.12
N LYS A 75 -2.26 -12.27 -14.32
CA LYS A 75 -3.63 -11.81 -14.24
C LYS A 75 -3.85 -10.64 -15.17
N ASN A 76 -5.11 -10.25 -15.26
CA ASN A 76 -5.54 -9.32 -16.28
C ASN A 76 -6.46 -8.28 -15.68
N CYS A 77 -6.20 -7.90 -14.44
CA CYS A 77 -7.06 -6.90 -13.80
C CYS A 77 -7.27 -5.69 -14.70
N LEU A 78 -8.53 -5.21 -14.76
CA LEU A 78 -8.90 -4.23 -15.76
C LEU A 78 -8.25 -2.90 -15.55
N TYR A 79 -7.93 -2.58 -14.31
CA TYR A 79 -7.35 -1.28 -13.97
C TYR A 79 -5.84 -1.23 -14.10
N CYS A 80 -5.15 -2.37 -14.16
CA CYS A 80 -3.73 -2.42 -13.86
C CYS A 80 -2.88 -2.36 -15.11
N GLY A 81 -1.88 -1.47 -15.15
CA GLY A 81 -1.00 -1.39 -16.32
C GLY A 81 -0.16 -2.65 -16.55
N LEU A 82 -0.01 -3.51 -15.55
CA LEU A 82 0.78 -4.74 -15.70
C LEU A 82 -0.07 -5.90 -16.17
N ARG A 83 -1.34 -5.66 -16.42
CA ARG A 83 -2.24 -6.75 -16.80
C ARG A 83 -1.66 -7.50 -18.00
N ARG A 84 -1.97 -8.79 -18.01
CA ARG A 84 -1.30 -9.63 -19.00
C ARG A 84 -1.55 -9.20 -20.44
N ASP A 85 -2.74 -8.65 -20.73
CA ASP A 85 -3.09 -8.21 -22.09
C ASP A 85 -2.35 -6.97 -22.53
N ASN A 86 -1.64 -6.29 -21.64
CA ASN A 86 -0.97 -5.08 -22.11
C ASN A 86 0.33 -5.48 -22.79
N LYS A 87 0.32 -5.44 -24.12
CA LYS A 87 1.52 -5.66 -24.91
C LYS A 87 2.41 -4.45 -25.02
N ASN A 88 1.96 -3.28 -24.57
CA ASN A 88 2.72 -2.04 -24.73
CA ASN A 88 2.75 -2.04 -24.74
C ASN A 88 3.64 -1.78 -23.55
N LEU A 89 4.34 -2.83 -23.12
CA LEU A 89 5.07 -2.72 -21.86
C LEU A 89 6.23 -3.69 -21.92
N LYS A 90 7.45 -3.18 -21.77
CA LYS A 90 8.60 -4.06 -21.68
CA LYS A 90 8.60 -4.06 -21.67
C LYS A 90 8.55 -4.76 -20.32
N ARG A 91 8.49 -6.07 -20.34
CA ARG A 91 8.50 -6.84 -19.11
C ARG A 91 9.93 -7.11 -18.66
N TYR A 92 10.11 -7.11 -17.35
CA TYR A 92 11.43 -7.37 -16.79
C TYR A 92 11.26 -8.27 -15.58
N ARG A 93 12.37 -8.89 -15.24
CA ARG A 93 12.51 -9.68 -14.02
CA ARG A 93 12.49 -9.63 -13.99
C ARG A 93 13.89 -9.41 -13.44
N MET A 94 13.98 -8.87 -12.23
CA MET A 94 15.27 -8.78 -11.56
C MET A 94 15.73 -10.19 -11.18
N THR A 95 17.03 -10.39 -11.21
CA THR A 95 17.51 -11.68 -10.77
C THR A 95 17.46 -11.71 -9.25
N PRO A 96 17.50 -12.90 -8.66
CA PRO A 96 17.51 -12.97 -7.20
C PRO A 96 18.69 -12.25 -6.62
N GLU A 97 19.85 -12.33 -7.25
CA GLU A 97 21.01 -11.59 -6.78
CA GLU A 97 21.00 -11.60 -6.75
C GLU A 97 20.76 -10.10 -6.81
N GLU A 98 20.18 -9.60 -7.90
CA GLU A 98 19.91 -8.18 -8.01
C GLU A 98 18.95 -7.76 -6.93
N ILE A 99 17.95 -8.60 -6.64
CA ILE A 99 16.94 -8.22 -5.65
C ILE A 99 17.59 -8.14 -4.27
N VAL A 100 18.35 -9.18 -3.92
CA VAL A 100 19.02 -9.20 -2.61
C VAL A 100 19.98 -8.04 -2.49
N GLU A 101 20.77 -7.77 -3.50
CA GLU A 101 21.73 -6.67 -3.33
C GLU A 101 21.03 -5.31 -3.28
N ARG A 102 19.96 -5.17 -4.02
CA ARG A 102 19.20 -3.93 -3.97
CA ARG A 102 19.20 -3.93 -3.97
C ARG A 102 18.57 -3.76 -2.60
N ALA A 103 18.01 -4.84 -2.05
CA ALA A 103 17.53 -4.82 -0.65
C ALA A 103 18.65 -4.44 0.31
N ARG A 104 19.83 -5.01 0.12
CA ARG A 104 20.95 -4.70 0.98
CA ARG A 104 20.96 -4.70 0.98
C ARG A 104 21.25 -3.23 0.90
N LEU A 105 21.22 -2.66 -0.30
CA LEU A 105 21.45 -1.22 -0.42
C LEU A 105 20.39 -0.41 0.32
N ALA A 106 19.13 -0.81 0.25
CA ALA A 106 18.12 -0.10 1.04
C ALA A 106 18.39 -0.19 2.53
N VAL A 107 18.81 -1.39 3.00
CA VAL A 107 19.14 -1.52 4.42
C VAL A 107 20.33 -0.66 4.76
N GLN A 108 21.29 -0.57 3.86
CA GLN A 108 22.43 0.28 4.08
C GLN A 108 21.99 1.73 4.17
N PHE A 109 20.93 2.09 3.46
CA PHE A 109 20.38 3.45 3.48
C PHE A 109 19.46 3.68 4.64
N GLY A 110 19.26 2.68 5.50
CA GLY A 110 18.44 2.85 6.70
C GLY A 110 17.04 2.26 6.62
N ALA A 111 16.66 1.60 5.55
CA ALA A 111 15.33 0.99 5.54
C ALA A 111 15.28 -0.14 6.54
N LYS A 112 14.21 -0.19 7.35
CA LYS A 112 14.08 -1.26 8.30
CA LYS A 112 14.03 -1.23 8.33
C LYS A 112 13.02 -2.28 7.89
N THR A 113 12.28 -2.00 6.81
CA THR A 113 11.41 -2.98 6.14
C THR A 113 11.72 -2.92 4.65
N ILE A 114 11.89 -4.10 4.07
CA ILE A 114 12.01 -4.30 2.65
C ILE A 114 10.69 -4.87 2.19
N VAL A 115 10.05 -4.23 1.22
CA VAL A 115 8.82 -4.75 0.59
C VAL A 115 9.22 -5.28 -0.77
N LEU A 116 8.91 -6.52 -1.04
CA LEU A 116 9.10 -7.07 -2.37
C LEU A 116 7.74 -7.12 -3.03
N GLN A 117 7.58 -6.40 -4.12
CA GLN A 117 6.29 -6.42 -4.80
C GLN A 117 6.50 -6.80 -6.25
N SER A 118 5.53 -7.48 -6.81
CA SER A 118 5.67 -7.78 -8.22
C SER A 118 4.27 -8.03 -8.77
N GLY A 119 4.19 -8.13 -10.11
CA GLY A 119 3.05 -8.81 -10.72
C GLY A 119 2.98 -10.25 -10.26
N GLU A 120 1.87 -10.89 -10.58
CA GLU A 120 1.79 -12.33 -10.25
C GLU A 120 2.64 -13.05 -11.27
N ASP A 121 3.94 -13.11 -11.01
CA ASP A 121 4.91 -13.65 -11.94
C ASP A 121 5.25 -15.06 -11.49
N PRO A 122 4.80 -16.09 -12.18
CA PRO A 122 5.03 -17.46 -11.66
C PRO A 122 6.48 -17.85 -11.52
N TYR A 123 7.39 -17.20 -12.23
CA TYR A 123 8.75 -17.70 -12.36
CA TYR A 123 8.72 -17.73 -12.36
C TYR A 123 9.41 -17.90 -11.00
N MET A 125 7.97 -18.35 -8.12
CA MET A 125 7.08 -18.87 -7.09
C MET A 125 7.15 -20.37 -6.98
N PRO A 126 7.33 -20.89 -5.77
CA PRO A 126 7.52 -20.14 -4.52
C PRO A 126 8.97 -20.10 -4.12
N ASP A 127 9.81 -20.93 -4.73
CA ASP A 127 11.09 -21.20 -4.09
C ASP A 127 12.09 -20.08 -4.25
N VAL A 128 12.09 -19.37 -5.37
CA VAL A 128 13.05 -18.28 -5.54
C VAL A 128 12.72 -17.18 -4.54
N ILE A 129 11.41 -16.88 -4.36
CA ILE A 129 11.01 -15.94 -3.33
C ILE A 129 11.55 -16.37 -1.98
N SER A 130 11.35 -17.65 -1.61
CA SER A 130 11.86 -18.13 -0.33
C SER A 130 13.36 -17.84 -0.16
N ASP A 131 14.13 -18.11 -1.20
CA ASP A 131 15.57 -17.96 -1.10
C ASP A 131 15.91 -16.49 -0.91
N ILE A 132 15.24 -15.62 -1.66
CA ILE A 132 15.45 -14.19 -1.53
C ILE A 132 15.08 -13.73 -0.14
N VAL A 133 13.92 -14.12 0.35
CA VAL A 133 13.50 -13.71 1.69
C VAL A 133 14.53 -14.13 2.69
N LYS A 134 15.01 -15.38 2.61
CA LYS A 134 15.99 -15.83 3.59
C LYS A 134 17.23 -14.95 3.58
N GLU A 135 17.67 -14.54 2.41
CA GLU A 135 18.88 -13.72 2.34
CA GLU A 135 18.87 -13.74 2.34
C GLU A 135 18.63 -12.35 2.90
N ILE A 136 17.48 -11.76 2.62
CA ILE A 136 17.21 -10.43 3.14
C ILE A 136 17.03 -10.48 4.64
N LYS A 137 16.36 -11.52 5.14
CA LYS A 137 16.17 -11.58 6.60
C LYS A 137 17.49 -11.66 7.35
N LYS A 138 18.55 -12.13 6.72
CA LYS A 138 19.84 -12.14 7.37
C LYS A 138 20.29 -10.74 7.71
N MET A 139 19.73 -9.74 7.06
CA MET A 139 20.11 -8.35 7.22
CA MET A 139 20.21 -8.41 7.32
C MET A 139 19.46 -7.74 8.43
N GLY A 140 18.58 -8.48 9.11
CA GLY A 140 18.02 -8.00 10.35
C GLY A 140 16.93 -6.98 10.16
N VAL A 141 16.14 -7.11 9.08
CA VAL A 141 15.06 -6.20 8.79
C VAL A 141 13.79 -6.99 8.61
N ALA A 142 12.65 -6.28 8.61
CA ALA A 142 11.39 -6.92 8.29
C ALA A 142 11.28 -7.07 6.78
N VAL A 143 10.64 -8.14 6.38
CA VAL A 143 10.38 -8.40 4.97
C VAL A 143 8.88 -8.49 4.78
N THR A 144 8.38 -7.68 3.85
CA THR A 144 6.98 -7.67 3.48
C THR A 144 6.91 -8.13 2.04
N LEU A 145 5.98 -9.01 1.76
CA LEU A 145 5.78 -9.49 0.39
C LEU A 145 4.48 -8.93 -0.11
N SER A 146 4.43 -8.63 -1.41
CA SER A 146 3.19 -8.18 -2.03
C SER A 146 3.23 -8.79 -3.41
N LEU A 147 2.86 -10.08 -3.48
CA LEU A 147 3.06 -10.87 -4.70
C LEU A 147 1.73 -11.33 -5.26
N GLY A 148 0.62 -10.91 -4.68
CA GLY A 148 -0.68 -11.32 -5.19
C GLY A 148 -1.19 -12.60 -4.54
N GLU A 149 -2.05 -13.28 -5.27
CA GLU A 149 -2.76 -14.43 -4.78
C GLU A 149 -2.00 -15.68 -5.18
N TRP A 150 -1.70 -16.50 -4.19
CA TRP A 150 -0.99 -17.73 -4.39
C TRP A 150 -1.56 -18.75 -3.44
N PRO A 151 -1.25 -20.02 -3.63
CA PRO A 151 -1.78 -21.04 -2.74
C PRO A 151 -1.23 -20.88 -1.34
N ARG A 152 -2.00 -21.43 -0.39
CA ARG A 152 -1.57 -21.46 0.99
CA ARG A 152 -1.56 -21.43 0.99
C ARG A 152 -0.15 -21.97 1.10
N GLU A 153 0.17 -23.05 0.39
CA GLU A 153 1.50 -23.65 0.46
C GLU A 153 2.60 -22.63 0.19
N TYR A 154 2.36 -21.72 -0.74
CA TYR A 154 3.39 -20.74 -1.07
C TYR A 154 3.51 -19.75 0.07
N TYR A 155 2.37 -19.25 0.53
CA TYR A 155 2.40 -18.32 1.65
C TYR A 155 3.03 -18.98 2.87
N GLU A 156 2.79 -20.29 3.06
CA GLU A 156 3.41 -21.00 4.18
CA GLU A 156 3.41 -20.95 4.20
C GLU A 156 4.93 -21.06 4.02
N LYS A 157 5.39 -21.41 2.81
CA LYS A 157 6.83 -21.45 2.59
C LYS A 157 7.47 -20.08 2.82
N TRP A 158 6.80 -19.01 2.38
CA TRP A 158 7.40 -17.69 2.52
C TRP A 158 7.45 -17.31 3.99
N LYS A 159 6.46 -17.72 4.75
CA LYS A 159 6.47 -17.41 6.18
CA LYS A 159 6.48 -17.39 6.17
C LYS A 159 7.59 -18.19 6.87
N GLU A 160 7.73 -19.46 6.52
CA GLU A 160 8.81 -20.23 7.11
CA GLU A 160 8.81 -20.25 7.10
C GLU A 160 10.17 -19.69 6.71
N ALA A 161 10.28 -19.16 5.49
CA ALA A 161 11.48 -18.48 5.04
C ALA A 161 11.75 -17.22 5.82
N GLY A 162 10.77 -16.73 6.56
CA GLY A 162 10.97 -15.57 7.42
C GLY A 162 10.24 -14.33 7.03
N ALA A 163 9.37 -14.34 6.02
CA ALA A 163 8.64 -13.14 5.70
C ALA A 163 7.80 -12.71 6.89
N ASP A 164 7.74 -11.43 7.11
CA ASP A 164 7.01 -10.89 8.26
C ASP A 164 5.61 -10.43 7.92
N ARG A 165 5.41 -9.86 6.74
CA ARG A 165 4.16 -9.18 6.46
C ARG A 165 3.82 -9.47 5.00
N TYR A 166 2.55 -9.33 4.69
CA TYR A 166 2.09 -9.56 3.31
C TYR A 166 1.03 -8.50 3.04
N LEU A 167 1.16 -7.81 1.90
CA LEU A 167 0.19 -6.83 1.47
C LEU A 167 -0.65 -7.45 0.39
N LEU A 168 -1.94 -7.45 0.60
CA LEU A 168 -2.86 -7.98 -0.42
C LEU A 168 -4.11 -7.14 -0.34
N ARG A 169 -4.05 -5.98 -0.99
CA ARG A 169 -5.21 -5.08 -0.91
C ARG A 169 -6.43 -5.81 -1.37
N HIS A 170 -7.53 -5.65 -0.65
CA HIS A 170 -8.77 -6.31 -1.06
C HIS A 170 -9.40 -5.66 -2.28
N GLU A 171 -8.91 -4.48 -2.68
CA GLU A 171 -9.27 -3.73 -3.89
C GLU A 171 -10.64 -3.08 -3.84
N THR A 172 -11.64 -3.92 -3.67
CA THR A 172 -13.01 -3.53 -3.51
C THR A 172 -13.71 -4.69 -2.84
N ALA A 173 -14.49 -4.36 -1.83
CA ALA A 173 -15.29 -5.34 -1.11
C ALA A 173 -16.60 -5.64 -1.80
N ASN A 174 -16.89 -4.99 -2.91
CA ASN A 174 -18.10 -5.30 -3.65
C ASN A 174 -17.76 -6.50 -4.54
N PRO A 175 -18.37 -7.67 -4.30
CA PRO A 175 -17.93 -8.88 -5.02
CA PRO A 175 -17.93 -8.88 -5.02
C PRO A 175 -18.25 -8.82 -6.50
N VAL A 176 -19.31 -8.11 -6.85
CA VAL A 176 -19.67 -7.99 -8.25
C VAL A 176 -18.66 -7.11 -8.98
N LEU A 177 -18.38 -5.93 -8.43
CA LEU A 177 -17.34 -5.11 -9.00
C LEU A 177 -16.00 -5.82 -8.99
N HIS A 178 -15.68 -6.53 -7.90
CA HIS A 178 -14.38 -7.17 -7.79
C HIS A 178 -14.17 -8.14 -8.96
N ARG A 179 -15.17 -8.98 -9.19
CA ARG A 179 -15.09 -9.95 -10.26
C ARG A 179 -15.03 -9.29 -11.63
N LYS A 180 -15.76 -8.20 -11.85
CA LYS A 180 -15.69 -7.49 -13.11
C LYS A 180 -14.31 -6.92 -13.38
N LEU A 181 -13.69 -6.33 -12.38
CA LEU A 181 -12.38 -5.72 -12.56
C LEU A 181 -11.26 -6.71 -12.52
N ARG A 182 -11.47 -7.83 -11.88
CA ARG A 182 -10.38 -8.79 -11.68
C ARG A 182 -10.87 -10.12 -12.21
N PRO A 183 -10.92 -10.28 -13.52
CA PRO A 183 -11.73 -11.37 -14.07
C PRO A 183 -11.13 -12.74 -13.82
N ASP A 184 -9.91 -12.83 -13.31
CA ASP A 184 -9.25 -14.09 -13.09
C ASP A 184 -9.58 -14.67 -11.74
N THR A 185 -10.26 -13.89 -10.90
CA THR A 185 -10.36 -14.28 -9.52
C THR A 185 -11.66 -13.72 -8.97
N SER A 186 -11.70 -13.48 -7.66
CA SER A 186 -12.93 -13.07 -7.03
C SER A 186 -12.58 -12.45 -5.69
N PHE A 187 -13.52 -11.66 -5.18
CA PHE A 187 -13.38 -11.15 -3.82
C PHE A 187 -13.26 -12.30 -2.83
N GLU A 188 -14.06 -13.33 -3.02
CA GLU A 188 -14.00 -14.50 -2.16
CA GLU A 188 -14.01 -14.54 -2.20
C GLU A 188 -12.59 -15.07 -2.10
N ASN A 189 -11.92 -15.24 -3.25
CA ASN A 189 -10.56 -15.73 -3.21
CA ASN A 189 -10.54 -15.72 -3.25
C ASN A 189 -9.62 -14.73 -2.54
N ARG A 190 -9.81 -13.44 -2.84
CA ARG A 190 -8.97 -12.41 -2.25
C ARG A 190 -9.08 -12.47 -0.75
N LEU A 191 -10.32 -12.59 -0.25
CA LEU A 191 -10.53 -12.65 1.19
C LEU A 191 -9.93 -13.93 1.76
N ASN A 192 -10.09 -15.06 1.06
CA ASN A 192 -9.50 -16.30 1.55
CA ASN A 192 -9.50 -16.30 1.53
C ASN A 192 -7.99 -16.17 1.65
N CYS A 193 -7.35 -15.49 0.70
CA CYS A 193 -5.92 -15.32 0.77
C CYS A 193 -5.58 -14.51 2.00
N LEU A 194 -6.34 -13.45 2.26
CA LEU A 194 -6.07 -12.59 3.40
C LEU A 194 -6.25 -13.36 4.70
N LEU A 195 -7.33 -14.13 4.82
CA LEU A 195 -7.55 -14.94 6.02
C LEU A 195 -6.43 -15.97 6.18
N THR A 196 -5.98 -16.57 5.08
CA THR A 196 -4.86 -17.50 5.17
C THR A 196 -3.59 -16.82 5.66
N LEU A 197 -3.30 -15.63 5.13
CA LEU A 197 -2.11 -14.88 5.53
C LEU A 197 -2.19 -14.59 7.02
N LYS A 198 -3.35 -14.16 7.47
CA LYS A 198 -3.52 -13.88 8.90
CA LYS A 198 -3.51 -13.88 8.90
C LYS A 198 -3.31 -15.13 9.71
N GLU A 199 -3.88 -16.25 9.24
CA GLU A 199 -3.80 -17.51 9.96
CA GLU A 199 -3.80 -17.51 9.95
C GLU A 199 -2.37 -18.00 10.07
N LEU A 200 -1.54 -17.69 9.08
CA LEU A 200 -0.15 -18.10 9.08
C LEU A 200 0.73 -17.20 9.92
N GLY A 201 0.20 -16.10 10.42
CA GLY A 201 0.94 -15.25 11.33
C GLY A 201 1.56 -14.03 10.68
N TYR A 202 1.28 -13.80 9.38
CA TYR A 202 1.74 -12.57 8.78
C TYR A 202 1.03 -11.39 9.39
N GLU A 203 1.75 -10.30 9.54
CA GLU A 203 1.07 -9.04 9.62
CA GLU A 203 1.08 -9.02 9.61
C GLU A 203 0.51 -8.75 8.24
N THR A 204 -0.79 -8.53 8.16
CA THR A 204 -1.46 -8.58 6.87
CA THR A 204 -1.42 -8.56 6.84
C THR A 204 -2.02 -7.22 6.52
N GLY A 205 -1.79 -6.79 5.29
CA GLY A 205 -2.28 -5.54 4.80
C GLY A 205 -3.38 -5.78 3.77
N ALA A 206 -4.45 -5.03 3.92
CA ALA A 206 -5.48 -5.00 2.90
C ALA A 206 -5.60 -3.56 2.42
N GLY A 207 -6.77 -3.13 1.99
CA GLY A 207 -6.87 -1.82 1.40
C GLY A 207 -7.49 -1.88 0.05
N SER A 208 -7.72 -0.72 -0.50
CA SER A 208 -8.62 -0.68 -1.65
C SER A 208 -8.33 0.57 -2.44
N MET A 209 -8.83 0.59 -3.66
CA MET A 209 -8.77 1.79 -4.46
C MET A 209 -10.05 2.56 -4.29
N VAL A 210 -9.93 3.85 -4.50
CA VAL A 210 -11.03 4.78 -4.39
C VAL A 210 -11.28 5.43 -5.74
N GLY A 211 -12.53 5.39 -6.17
CA GLY A 211 -12.90 5.96 -7.45
C GLY A 211 -12.88 4.99 -8.59
N LEU A 212 -12.87 3.69 -8.32
CA LEU A 212 -13.01 2.70 -9.38
C LEU A 212 -14.31 2.94 -10.14
N PRO A 213 -14.31 2.62 -11.43
CA PRO A 213 -15.54 2.76 -12.22
C PRO A 213 -16.63 1.90 -11.61
N GLY A 214 -17.82 2.51 -11.44
CA GLY A 214 -18.95 1.83 -10.87
C GLY A 214 -18.91 1.69 -9.37
N GLN A 215 -17.84 2.13 -8.71
CA GLN A 215 -17.82 2.03 -7.27
C GLN A 215 -18.59 3.20 -6.69
N THR A 216 -19.43 2.92 -5.70
CA THR A 216 -20.29 3.94 -5.10
C THR A 216 -19.80 4.29 -3.71
N ILE A 217 -20.39 5.34 -3.14
CA ILE A 217 -20.10 5.67 -1.75
C ILE A 217 -20.46 4.49 -0.84
N ASP A 218 -21.56 3.80 -1.13
CA ASP A 218 -21.89 2.63 -0.33
C ASP A 218 -20.82 1.57 -0.42
N ASP A 219 -20.23 1.38 -1.59
CA ASP A 219 -19.09 0.47 -1.69
C ASP A 219 -17.96 0.88 -0.78
N LEU A 220 -17.67 2.18 -0.74
CA LEU A 220 -16.59 2.66 0.12
C LEU A 220 -16.89 2.39 1.59
N VAL A 221 -18.16 2.61 2.00
CA VAL A 221 -18.54 2.23 3.35
C VAL A 221 -18.25 0.76 3.59
N ASP A 222 -18.59 -0.09 2.62
CA ASP A 222 -18.36 -1.49 2.80
C ASP A 222 -16.89 -1.80 2.90
N ASP A 223 -16.05 -1.06 2.17
CA ASP A 223 -14.62 -1.22 2.32
C ASP A 223 -14.19 -0.90 3.74
N LEU A 224 -14.66 0.23 4.27
CA LEU A 224 -14.31 0.60 5.64
C LEU A 224 -14.79 -0.45 6.64
N LEU A 225 -16.01 -0.94 6.45
CA LEU A 225 -16.57 -1.93 7.37
C LEU A 225 -15.80 -3.24 7.23
N PHE A 226 -15.36 -3.58 6.02
CA PHE A 226 -14.55 -4.79 5.83
C PHE A 226 -13.22 -4.66 6.56
N LEU A 227 -12.56 -3.52 6.41
CA LEU A 227 -11.31 -3.32 7.12
C LEU A 227 -11.53 -3.41 8.63
N LYS A 228 -12.59 -2.79 9.10
CA LYS A 228 -12.88 -2.88 10.52
C LYS A 228 -13.14 -4.33 10.94
N GLU A 229 -13.91 -5.08 10.15
CA GLU A 229 -14.29 -6.42 10.56
C GLU A 229 -13.05 -7.28 10.80
N HIS A 230 -12.05 -7.12 9.94
CA HIS A 230 -10.90 -8.02 9.95
C HIS A 230 -9.70 -7.43 10.67
N ASP A 231 -9.77 -6.16 11.06
CA ASP A 231 -8.78 -5.57 11.94
C ASP A 231 -7.37 -5.70 11.35
N PHE A 232 -7.25 -5.36 10.08
CA PHE A 232 -5.97 -5.59 9.40
C PHE A 232 -4.86 -4.80 10.06
N ASP A 233 -3.66 -5.33 9.97
CA ASP A 233 -2.49 -4.64 10.52
CA ASP A 233 -2.49 -4.65 10.52
C ASP A 233 -2.10 -3.43 9.69
N MET A 234 -2.24 -3.54 8.36
CA MET A 234 -1.90 -2.45 7.45
CA MET A 234 -1.92 -2.43 7.48
C MET A 234 -3.08 -2.26 6.52
N VAL A 235 -3.28 -1.02 6.06
CA VAL A 235 -4.32 -0.69 5.11
C VAL A 235 -3.74 0.26 4.08
N GLY A 236 -3.56 -0.21 2.85
CA GLY A 236 -3.07 0.60 1.77
C GLY A 236 -4.24 1.10 0.95
N ILE A 237 -4.36 2.42 0.85
CA ILE A 237 -5.48 3.04 0.15
C ILE A 237 -4.93 4.08 -0.81
N GLY A 238 -5.45 4.08 -2.01
CA GLY A 238 -5.13 5.16 -2.90
C GLY A 238 -6.19 5.29 -3.96
N PRO A 239 -6.15 6.37 -4.73
CA PRO A 239 -7.14 6.56 -5.78
C PRO A 239 -6.88 5.55 -6.87
N PHE A 240 -7.95 5.21 -7.57
CA PHE A 240 -7.78 4.63 -8.88
C PHE A 240 -7.20 5.66 -9.84
N ILE A 241 -6.18 5.29 -10.60
CA ILE A 241 -5.58 6.16 -11.57
C ILE A 241 -5.68 5.43 -12.90
N PRO A 242 -6.40 5.95 -13.89
CA PRO A 242 -6.56 5.22 -15.16
CA PRO A 242 -6.56 5.21 -15.15
C PRO A 242 -5.25 5.07 -15.93
N HIS A 243 -5.06 3.89 -16.54
CA HIS A 243 -3.84 3.66 -17.27
C HIS A 243 -4.24 3.54 -18.73
N PRO A 244 -3.60 4.31 -19.61
CA PRO A 244 -4.05 4.35 -21.00
CA PRO A 244 -4.05 4.35 -21.00
C PRO A 244 -4.01 3.00 -21.67
N ASP A 245 -3.20 2.06 -21.18
CA ASP A 245 -3.06 0.78 -21.89
C ASP A 245 -3.90 -0.31 -21.24
N THR A 246 -5.08 0.05 -20.75
CA THR A 246 -6.01 -0.81 -20.05
C THR A 246 -7.42 -0.51 -20.50
N PRO A 247 -8.37 -1.42 -20.23
CA PRO A 247 -9.77 -1.17 -20.58
C PRO A 247 -10.39 0.00 -19.84
N LEU A 248 -9.82 0.44 -18.73
CA LEU A 248 -10.36 1.54 -17.92
C LEU A 248 -9.72 2.88 -18.26
N ALA A 249 -8.96 2.92 -19.34
CA ALA A 249 -8.19 4.10 -19.76
C ALA A 249 -9.01 5.38 -19.75
N ASN A 250 -10.30 5.32 -20.10
CA ASN A 250 -11.12 6.52 -20.25
C ASN A 250 -11.96 6.80 -19.03
N GLU A 251 -11.76 6.07 -17.96
CA GLU A 251 -12.53 6.25 -16.76
C GLU A 251 -11.96 7.41 -15.96
N LYS A 252 -12.75 7.94 -15.06
CA LYS A 252 -12.30 9.05 -14.23
CA LYS A 252 -12.30 9.06 -14.22
C LYS A 252 -11.32 8.59 -13.15
N LYS A 253 -10.31 9.40 -12.88
CA LYS A 253 -9.44 9.09 -11.76
C LYS A 253 -10.19 9.31 -10.44
N GLY A 254 -9.74 8.60 -9.42
CA GLY A 254 -10.37 8.72 -8.14
C GLY A 254 -10.07 10.07 -7.55
N ASP A 255 -11.00 10.57 -6.77
CA ASP A 255 -10.83 11.89 -6.17
C ASP A 255 -9.87 11.87 -4.98
N PHE A 256 -8.94 12.81 -4.96
CA PHE A 256 -8.00 12.88 -3.84
C PHE A 256 -8.68 13.10 -2.48
N THR A 257 -9.60 14.05 -2.38
CA THR A 257 -10.22 14.34 -1.09
C THR A 257 -11.02 13.14 -0.58
N LEU A 258 -11.80 12.50 -1.46
CA LEU A 258 -12.53 11.30 -1.06
C LEU A 258 -11.57 10.22 -0.59
N THR A 259 -10.48 10.01 -1.33
CA THR A 259 -9.52 9.01 -0.91
C THR A 259 -8.91 9.35 0.44
N LEU A 260 -8.62 10.62 0.63
CA LEU A 260 -8.03 11.09 1.88
C LEU A 260 -9.00 10.83 3.02
N LYS A 261 -10.27 11.07 2.78
CA LYS A 261 -11.29 10.78 3.79
C LYS A 261 -11.30 9.29 4.10
N MET A 262 -11.13 8.45 3.09
CA MET A 262 -11.00 7.02 3.37
C MET A 262 -9.82 6.71 4.27
N VAL A 263 -8.66 7.31 3.99
CA VAL A 263 -7.51 7.10 4.84
C VAL A 263 -7.82 7.57 6.26
N ALA A 264 -8.43 8.75 6.36
CA ALA A 264 -8.72 9.30 7.69
C ALA A 264 -9.69 8.41 8.45
N LEU A 265 -10.77 7.97 7.79
CA LEU A 265 -11.70 7.08 8.46
C LEU A 265 -11.07 5.76 8.79
N THR A 266 -10.17 5.25 7.94
CA THR A 266 -9.48 4.02 8.29
C THR A 266 -8.68 4.19 9.57
N ARG A 267 -7.97 5.31 9.70
CA ARG A 267 -7.23 5.55 10.94
C ARG A 267 -8.20 5.59 12.12
N ILE A 268 -9.32 6.29 11.96
CA ILE A 268 -10.28 6.42 13.06
C ILE A 268 -10.82 5.05 13.43
N LEU A 269 -11.07 4.20 12.42
CA LEU A 269 -11.64 2.88 12.67
C LEU A 269 -10.61 1.92 13.24
N LEU A 270 -9.37 2.02 12.80
CA LEU A 270 -8.28 1.07 13.11
C LEU A 270 -7.16 1.92 13.68
N PRO A 271 -7.31 2.40 14.93
CA PRO A 271 -6.43 3.48 15.39
CA PRO A 271 -6.43 3.48 15.39
C PRO A 271 -4.98 3.07 15.52
N ASP A 272 -4.71 1.78 15.72
CA ASP A 272 -3.34 1.34 15.88
C ASP A 272 -2.80 0.65 14.64
N SER A 273 -3.47 0.83 13.51
CA SER A 273 -3.01 0.18 12.28
C SER A 273 -1.86 0.96 11.65
N ASN A 274 -1.15 0.29 10.76
CA ASN A 274 -0.12 0.92 9.96
C ASN A 274 -0.72 1.29 8.60
N ILE A 275 -0.68 2.55 8.28
CA ILE A 275 -1.40 3.07 7.12
C ILE A 275 -0.46 3.91 6.27
N PRO A 276 -0.15 3.50 5.08
CA PRO A 276 0.79 4.27 4.27
CA PRO A 276 0.79 4.27 4.27
C PRO A 276 0.13 5.48 3.65
N ALA A 277 0.97 6.48 3.37
CA ALA A 277 0.65 7.57 2.49
C ALA A 277 1.17 7.11 1.16
N THR A 278 0.26 6.59 0.31
CA THR A 278 0.71 5.84 -0.83
C THR A 278 1.24 6.73 -1.93
N THR A 279 2.05 6.12 -2.78
CA THR A 279 2.53 6.81 -3.95
C THR A 279 1.39 7.27 -4.83
N ALA A 280 0.31 6.50 -4.93
CA ALA A 280 -0.79 6.96 -5.78
C ALA A 280 -1.32 8.28 -5.26
N MET A 281 -1.34 8.44 -3.93
CA MET A 281 -1.77 9.73 -3.39
C MET A 281 -0.83 10.85 -3.78
N GLY A 282 0.48 10.57 -3.83
CA GLY A 282 1.40 11.59 -4.27
C GLY A 282 1.42 11.78 -5.75
N THR A 283 0.79 10.87 -6.49
CA THR A 283 0.76 10.97 -7.92
C THR A 283 -0.38 11.85 -8.38
N ILE A 284 -1.56 11.73 -7.75
CA ILE A 284 -2.69 12.52 -8.21
CA ILE A 284 -2.67 12.54 -8.23
C ILE A 284 -2.65 13.98 -7.74
N VAL A 285 -2.00 14.24 -6.62
CA VAL A 285 -1.90 15.60 -6.11
C VAL A 285 -0.43 15.80 -5.73
N PRO A 286 0.23 16.87 -6.22
CA PRO A 286 1.59 17.13 -5.76
C PRO A 286 1.56 17.38 -4.25
N GLY A 287 2.42 16.65 -3.56
CA GLY A 287 2.42 16.71 -2.11
C GLY A 287 1.36 15.86 -1.47
N GLY A 288 0.73 14.98 -2.25
CA GLY A 288 -0.35 14.18 -1.69
C GLY A 288 0.09 13.26 -0.55
N ARG A 289 1.30 12.70 -0.61
CA ARG A 289 1.76 11.85 0.47
C ARG A 289 1.88 12.64 1.75
N GLU A 290 2.41 13.84 1.67
CA GLU A 290 2.62 14.61 2.89
C GLU A 290 1.27 14.96 3.52
N ILE A 291 0.30 15.33 2.69
CA ILE A 291 -1.04 15.56 3.20
C ILE A 291 -1.56 14.33 3.89
N THR A 292 -1.41 13.18 3.24
CA THR A 292 -1.95 11.95 3.80
C THR A 292 -1.32 11.60 5.14
N LEU A 293 -0.01 11.85 5.28
CA LEU A 293 0.67 11.63 6.55
C LEU A 293 0.12 12.50 7.63
N ARG A 294 -0.56 13.59 7.25
CA ARG A 294 -1.12 14.50 8.26
C ARG A 294 -2.59 14.23 8.48
N CYS A 295 -3.15 13.20 7.83
CA CYS A 295 -4.56 12.91 7.90
C CYS A 295 -4.79 11.45 8.27
N GLY A 296 -3.79 10.83 8.90
CA GLY A 296 -4.02 9.53 9.45
C GLY A 296 -2.94 8.55 9.09
N ALA A 297 -2.16 8.82 8.03
CA ALA A 297 -1.16 7.83 7.66
C ALA A 297 0.11 7.96 8.54
N ASN A 298 0.83 6.86 8.68
CA ASN A 298 2.05 6.85 9.46
C ASN A 298 3.13 6.02 8.82
N VAL A 299 2.96 5.61 7.56
CA VAL A 299 3.95 4.81 6.85
C VAL A 299 4.23 5.46 5.51
N ILE A 300 5.45 5.29 5.00
CA ILE A 300 5.72 5.73 3.65
CA ILE A 300 5.76 5.76 3.67
C ILE A 300 6.59 4.68 3.01
N MET A 301 6.40 4.50 1.70
CA MET A 301 7.01 3.40 0.95
CA MET A 301 7.01 3.41 0.95
CA MET A 301 6.99 3.41 0.94
C MET A 301 7.84 3.97 -0.19
N PRO A 302 9.05 4.45 0.09
CA PRO A 302 9.88 4.99 -0.98
C PRO A 302 10.18 3.92 -2.00
N ASN A 303 10.15 4.32 -3.27
CA ASN A 303 10.38 3.37 -4.34
CA ASN A 303 10.37 3.40 -4.38
C ASN A 303 11.85 3.07 -4.44
N TRP A 304 12.18 1.79 -4.34
CA TRP A 304 13.57 1.40 -4.36
C TRP A 304 13.84 0.50 -5.54
N THR A 305 12.94 0.49 -6.49
CA THR A 305 13.21 -0.32 -7.68
C THR A 305 14.32 0.35 -8.50
N PRO A 306 15.30 -0.42 -8.96
N PRO A 306 15.26 -0.41 -9.09
CA PRO A 306 16.45 0.20 -9.63
CA PRO A 306 16.29 0.25 -9.91
C PRO A 306 16.11 0.46 -11.09
C PRO A 306 15.69 1.10 -11.02
N SER A 307 16.71 1.52 -11.63
N SER A 307 16.21 2.33 -11.15
CA SER A 307 16.70 1.66 -13.08
CA SER A 307 15.53 3.34 -11.98
C SER A 307 17.42 0.47 -13.70
C SER A 307 15.23 2.93 -13.42
N PRO A 308 17.06 0.07 -14.95
N PRO A 308 16.00 2.06 -14.10
CA PRO A 308 16.12 0.70 -15.88
CA PRO A 308 15.57 1.57 -15.42
C PRO A 308 14.76 0.04 -15.83
C PRO A 308 14.41 0.58 -15.42
N TYR A 309 14.49 -0.51 -14.64
CA TYR A 309 13.26 -1.26 -14.36
CA TYR A 309 13.26 -1.25 -14.40
C TYR A 309 12.18 -0.39 -13.79
N ARG A 310 12.61 0.51 -12.90
N ARG A 310 12.53 0.70 -13.10
CA ARG A 310 11.67 1.35 -12.18
CA ARG A 310 11.51 1.50 -12.39
C ARG A 310 10.65 1.93 -13.14
C ARG A 310 10.48 2.08 -13.36
N GLN A 311 11.10 2.38 -14.32
N GLN A 311 10.94 2.67 -14.47
CA GLN A 311 10.22 3.09 -15.24
CA GLN A 311 9.99 3.20 -15.44
C GLN A 311 9.23 2.15 -15.91
C GLN A 311 9.19 2.11 -16.12
N LEU A 312 9.47 0.84 -15.84
CA LEU A 312 8.62 -0.20 -16.44
C LEU A 312 7.58 -0.73 -15.47
N TYR A 313 7.63 -0.36 -14.20
CA TYR A 313 6.65 -0.90 -13.28
C TYR A 313 5.55 0.14 -13.14
N GLN A 314 4.68 0.20 -14.14
CA GLN A 314 3.69 1.28 -14.21
CA GLN A 314 3.70 1.29 -14.21
C GLN A 314 2.30 0.70 -13.98
N LEU A 315 1.96 0.48 -12.71
CA LEU A 315 0.59 0.08 -12.42
C LEU A 315 -0.38 1.12 -12.92
N TYR A 316 -0.03 2.38 -12.76
CA TYR A 316 -0.77 3.49 -13.32
C TYR A 316 0.27 4.49 -13.78
N PRO A 317 -0.12 5.44 -14.63
N PRO A 317 -0.13 5.45 -14.62
CA PRO A 317 0.87 6.41 -15.13
CA PRO A 317 0.84 6.37 -15.23
C PRO A 317 1.29 7.30 -13.96
C PRO A 317 1.09 7.58 -14.35
N GLY A 318 2.57 7.25 -13.62
N GLY A 318 1.84 8.51 -14.91
CA GLY A 318 3.10 8.04 -12.52
CA GLY A 318 2.26 9.68 -14.16
C GLY A 318 4.27 8.89 -12.95
C GLY A 318 3.43 9.26 -13.31
N LYS A 319 4.47 10.01 -12.23
N LYS A 319 3.11 8.62 -12.18
CA LYS A 319 5.65 10.85 -12.43
CA LYS A 319 4.06 7.92 -11.34
C LYS A 319 6.57 10.92 -11.22
C LYS A 319 5.21 8.81 -10.87
N ILE A 320 6.08 10.53 -10.03
N ILE A 320 5.05 9.43 -9.69
CA ILE A 320 6.90 10.54 -8.83
CA ILE A 320 6.11 10.28 -9.18
C ILE A 320 7.98 9.47 -8.93
C ILE A 320 7.39 9.48 -9.00
N SER A 321 9.23 9.87 -8.64
N SER A 321 8.51 10.20 -8.89
CA SER A 321 10.42 9.02 -8.54
CA SER A 321 9.85 9.61 -8.82
C SER A 321 10.88 8.43 -9.87
C SER A 321 10.27 9.01 -10.16
N VAL A 322 10.16 8.62 -10.97
N VAL A 322 9.90 9.65 -11.26
CA VAL A 322 10.56 8.01 -12.22
CA VAL A 322 10.31 9.19 -12.58
C VAL A 322 11.88 8.60 -12.72
C VAL A 322 11.75 9.60 -12.87
N PHE A 323 12.05 9.92 -12.60
N PHE A 323 12.03 10.91 -12.79
CA PHE A 323 13.19 10.62 -13.17
CA PHE A 323 13.33 11.45 -13.16
C PHE A 323 14.27 10.97 -12.15
C PHE A 323 14.27 11.56 -11.96
N GLU A 324 13.97 10.89 -10.86
CA GLU A 324 14.98 11.08 -9.85
CA GLU A 324 14.83 10.94 -9.69
C GLU A 324 15.94 9.89 -9.81
N LYS A 325 17.00 10.03 -9.05
N LYS A 325 17.10 10.23 -9.27
CA LYS A 325 17.97 8.95 -9.00
CA LYS A 325 18.24 9.34 -9.23
C LYS A 325 17.36 7.69 -8.36
C LYS A 325 17.92 8.12 -8.39
N ASP A 326 18.09 6.59 -8.53
N ASP A 326 18.65 7.05 -8.67
CA ASP A 326 17.64 5.28 -8.09
CA ASP A 326 18.23 5.73 -8.24
C ASP A 326 17.59 5.20 -6.59
C ASP A 326 18.07 5.65 -6.72
N THR A 327 18.44 5.98 -5.95
N THR A 327 19.01 6.22 -5.96
CA THR A 327 18.64 5.96 -4.53
CA THR A 327 18.94 6.17 -4.51
C THR A 327 18.12 7.23 -3.88
C THR A 327 18.31 7.40 -3.90
N ALA A 328 17.50 8.14 -4.67
CA ALA A 328 16.96 9.39 -4.12
C ALA A 328 15.84 9.16 -3.10
N SER A 329 15.03 8.13 -3.27
CA SER A 329 13.75 8.08 -2.57
C SER A 329 13.89 7.97 -1.06
N ILE A 330 14.82 7.17 -0.55
CA ILE A 330 14.93 7.01 0.89
C ILE A 330 15.38 8.32 1.50
N PRO A 331 16.46 8.95 1.03
CA PRO A 331 16.79 10.27 1.58
C PRO A 331 15.65 11.25 1.44
N SER A 332 14.91 11.21 0.34
CA SER A 332 13.82 12.13 0.15
CA SER A 332 13.81 12.14 0.16
C SER A 332 12.72 11.93 1.18
N VAL A 333 12.36 10.68 1.47
CA VAL A 333 11.32 10.51 2.48
C VAL A 333 11.87 10.84 3.86
N MET A 334 13.16 10.63 4.13
CA MET A 334 13.77 11.08 5.39
CA MET A 334 13.65 11.07 5.42
C MET A 334 13.57 12.58 5.53
N LYS A 335 13.84 13.33 4.45
CA LYS A 335 13.68 14.78 4.49
C LYS A 335 12.22 15.14 4.68
N MET A 336 11.32 14.42 3.98
CA MET A 336 9.89 14.64 4.15
C MET A 336 9.47 14.49 5.59
N ILE A 337 9.90 13.40 6.21
CA ILE A 337 9.51 13.11 7.59
C ILE A 337 9.99 14.23 8.50
N GLU A 338 11.22 14.68 8.30
CA GLU A 338 11.74 15.79 9.12
C GLU A 338 10.96 17.08 8.86
N LEU A 339 10.65 17.41 7.60
CA LEU A 339 9.98 18.68 7.40
C LEU A 339 8.53 18.62 7.89
N LEU A 340 8.01 17.42 8.06
CA LEU A 340 6.71 17.24 8.69
C LEU A 340 6.80 17.33 10.19
N GLY A 341 8.01 17.47 10.73
CA GLY A 341 8.19 17.41 12.17
C GLY A 341 7.95 16.04 12.75
N ARG A 342 8.06 14.99 11.96
CA ARG A 342 7.84 13.63 12.43
C ARG A 342 9.21 12.99 12.60
N LYS A 343 9.25 11.69 12.89
N LYS A 343 9.20 11.76 13.08
CA LYS A 343 10.50 10.95 13.07
CA LYS A 343 10.42 11.18 13.59
C LYS A 343 10.48 9.67 12.23
C LYS A 343 10.77 9.95 12.78
N PRO A 344 11.64 9.17 11.72
N PRO A 344 12.04 9.61 12.66
CA PRO A 344 11.64 7.86 11.06
CA PRO A 344 12.40 8.38 11.96
C PRO A 344 11.43 6.76 12.10
C PRO A 344 11.87 7.17 12.74
N GLY A 345 10.80 5.67 11.68
N GLY A 345 11.31 6.21 12.02
CA GLY A 345 10.66 4.54 12.59
CA GLY A 345 10.99 4.94 12.63
C GLY A 345 11.98 4.03 13.12
C GLY A 345 12.21 4.33 13.26
N ARG A 346 12.03 3.73 14.41
CA ARG A 346 13.21 3.28 15.11
C ARG A 346 13.40 1.79 15.08
N ASP A 347 12.34 1.05 14.75
CA ASP A 347 12.43 -0.40 14.76
C ASP A 347 11.75 -0.83 13.49
N TRP A 348 11.28 -2.09 13.48
CA TRP A 348 10.68 -2.53 12.22
C TRP A 348 9.30 -1.93 11.99
N GLY A 349 8.69 -1.27 12.96
CA GLY A 349 7.43 -0.63 12.71
C GLY A 349 6.32 -1.65 12.59
N GLY A 350 6.44 -2.78 13.29
CA GLY A 350 5.36 -3.72 13.34
C GLY A 350 4.17 -3.09 14.02
N ARG A 351 3.02 -3.67 13.82
CA ARG A 351 1.87 -3.09 14.49
C ARG A 351 1.97 -3.27 16.01
N LYS A 352 1.64 -2.20 16.74
CA LYS A 352 1.73 -2.20 18.19
C LYS A 352 0.30 -2.07 18.69
N ARG A 353 -0.35 -3.21 18.88
CA ARG A 353 -1.78 -3.21 19.16
C ARG A 353 -2.03 -2.59 20.50
N VAL A 354 -3.05 -1.74 20.53
CA VAL A 354 -3.57 -1.18 21.76
C VAL A 354 -4.98 -1.74 21.87
N PHE A 355 -5.16 -2.71 22.74
CA PHE A 355 -6.45 -3.37 22.87
C PHE A 355 -7.44 -2.43 23.53
N GLU A 356 -8.63 -2.33 22.95
CA GLU A 356 -9.68 -1.48 23.52
C GLU A 356 -10.94 -2.22 23.92
N THR A 357 -12.07 -1.52 23.86
CA THR A 357 -13.36 -2.08 24.21
C THR A 357 -14.29 -2.05 23.00
#